data_8ULA
#
_entry.id   8ULA
#
_cell.length_a   95.881
_cell.length_b   95.881
_cell.length_c   78.702
_cell.angle_alpha   90.000
_cell.angle_beta   90.000
_cell.angle_gamma   120.000
#
_symmetry.space_group_name_H-M   'P 31 2 1'
#
loop_
_entity.id
_entity.type
_entity.pdbx_description
1 polymer 'Extracellular solute-binding protein'
2 water water
#
_entity_poly.entity_id   1
_entity_poly.type   'polypeptide(L)'
_entity_poly.pdbx_seq_one_letter_code
;MGSSHHHHHHSSGENLYFQGHESGSKEVTIEFMHSSVEKERLDVINKLIADFEKENPTIKIKQIPVEEDAFNTKVVTLAR
SGKLPAVMEVSQDFAKVMDKDELIDQDAVKEVIDSVGEDKYYEGATNLVRSEDGKSYIAAPLSGWVQGIWYNKKALADAG
FEEPKNWADIEKVAKKFTNKADKKYGIAIPTAESTMSEQAFSQFALSNKANVLDAKGNVTIDTPEMKEALQYYKDLSAYT
MPGSNDVTEIKDAFMNGTVPMAMYSTYILPSVYEEGDPKNIGFAIPEEKEKAVYGTVSGLTISAGLDDEQKKATKKFVEY
LSQPENMATWVLMSPGGAQPVNKEVVEQKAYKENEVIKSFGDLPNEIAASFNDIQVFGLVDGKNLTKMGDITSSGIIAQM
VNNVTVGGGDVSADLKAAQKKAEEGK
;
_entity_poly.pdbx_strand_id   A
#
# COMPACT_ATOMS: atom_id res chain seq x y z
N GLU A 27 12.53 20.30 28.25
CA GLU A 27 13.08 19.62 29.43
C GLU A 27 13.13 18.11 29.20
N VAL A 28 12.35 17.63 28.23
CA VAL A 28 12.43 16.25 27.76
C VAL A 28 12.54 16.31 26.24
N THR A 29 13.61 15.73 25.71
CA THR A 29 13.89 15.78 24.27
C THR A 29 13.75 14.38 23.69
N ILE A 30 13.02 14.28 22.57
CA ILE A 30 12.88 13.03 21.85
C ILE A 30 13.31 13.24 20.42
N GLU A 31 13.90 12.21 19.83
CA GLU A 31 14.38 12.27 18.45
C GLU A 31 13.29 11.77 17.50
N PHE A 32 13.06 12.52 16.43
CA PHE A 32 12.10 12.18 15.39
C PHE A 32 12.85 12.01 14.09
N MET A 33 12.99 10.76 13.62
CA MET A 33 13.70 10.45 12.39
C MET A 33 12.67 10.26 11.28
N HIS A 34 12.66 11.19 10.32
CA HIS A 34 11.69 11.20 9.24
C HIS A 34 12.43 11.39 7.91
N SER A 35 11.68 11.29 6.82
CA SER A 35 12.26 11.33 5.48
C SER A 35 11.64 12.42 4.62
N SER A 36 11.36 13.58 5.21
CA SER A 36 10.90 14.75 4.49
C SER A 36 12.06 15.74 4.47
N VAL A 37 12.95 15.58 3.47
CA VAL A 37 14.15 16.40 3.37
C VAL A 37 13.99 17.57 2.42
N GLU A 38 13.00 17.56 1.54
CA GLU A 38 12.78 18.66 0.62
C GLU A 38 12.42 19.93 1.39
N LYS A 39 12.83 21.07 0.85
CA LYS A 39 12.61 22.34 1.55
C LYS A 39 11.15 22.53 1.91
N GLU A 40 10.25 22.27 0.95
CA GLU A 40 8.83 22.52 1.18
C GLU A 40 8.29 21.62 2.29
N ARG A 41 8.71 20.35 2.31
CA ARG A 41 8.20 19.41 3.31
C ARG A 41 8.84 19.65 4.68
N LEU A 42 10.09 20.10 4.70
CA LEU A 42 10.74 20.43 5.97
C LEU A 42 10.11 21.67 6.59
N ASP A 43 9.74 22.66 5.78
CA ASP A 43 8.99 23.81 6.28
C ASP A 43 7.72 23.36 7.00
N VAL A 44 6.96 22.47 6.35
CA VAL A 44 5.71 21.99 6.94
C VAL A 44 5.99 21.25 8.25
N ILE A 45 7.06 20.46 8.30
CA ILE A 45 7.33 19.68 9.50
C ILE A 45 7.84 20.57 10.62
N ASN A 46 8.66 21.57 10.29
CA ASN A 46 9.07 22.54 11.30
C ASN A 46 7.86 23.18 11.97
N LYS A 47 6.83 23.49 11.19
CA LYS A 47 5.66 24.16 11.75
C LYS A 47 4.80 23.18 12.57
N LEU A 48 4.65 21.95 12.09
CA LEU A 48 3.95 20.95 12.89
C LEU A 48 4.64 20.76 14.23
N ILE A 49 5.97 20.61 14.21
CA ILE A 49 6.72 20.43 15.45
C ILE A 49 6.63 21.67 16.32
N ALA A 50 6.78 22.86 15.73
CA ALA A 50 6.70 24.09 16.50
C ALA A 50 5.36 24.23 17.20
N ASP A 51 4.27 24.00 16.46
CA ASP A 51 2.95 24.07 17.07
C ASP A 51 2.81 23.04 18.19
N PHE A 52 3.28 21.81 17.95
CA PHE A 52 3.24 20.79 18.99
C PHE A 52 4.01 21.23 20.22
N GLU A 53 5.20 21.82 20.03
CA GLU A 53 6.02 22.25 21.15
C GLU A 53 5.36 23.39 21.93
N LYS A 54 4.65 24.28 21.24
CA LYS A 54 3.90 25.31 21.96
C LYS A 54 2.82 24.69 22.82
N GLU A 55 2.11 23.69 22.29
CA GLU A 55 1.08 23.00 23.05
C GLU A 55 1.67 22.15 24.17
N ASN A 56 2.92 21.71 24.03
CA ASN A 56 3.57 20.83 25.00
C ASN A 56 4.92 21.43 25.35
N PRO A 57 4.93 22.52 26.13
CA PRO A 57 6.18 23.28 26.33
C PRO A 57 7.30 22.51 27.01
N THR A 58 7.01 21.36 27.64
CA THR A 58 8.05 20.57 28.28
C THR A 58 8.64 19.50 27.36
N ILE A 59 8.29 19.52 26.08
CA ILE A 59 8.76 18.53 25.12
C ILE A 59 9.49 19.24 23.99
N LYS A 60 10.66 18.74 23.64
CA LYS A 60 11.44 19.24 22.51
C LYS A 60 11.66 18.11 21.53
N ILE A 61 11.46 18.39 20.25
CA ILE A 61 11.63 17.40 19.18
C ILE A 61 12.96 17.68 18.49
N LYS A 62 13.87 16.72 18.52
CA LYS A 62 15.13 16.78 17.78
C LYS A 62 14.94 15.93 16.52
N GLN A 63 14.75 16.57 15.38
CA GLN A 63 14.46 15.81 14.17
C GLN A 63 15.75 15.36 13.49
N ILE A 64 15.66 14.21 12.84
CA ILE A 64 16.75 13.62 12.07
C ILE A 64 16.25 13.38 10.65
N PRO A 65 16.28 14.38 9.78
CA PRO A 65 15.80 14.18 8.40
C PRO A 65 16.77 13.32 7.61
N VAL A 66 16.24 12.26 6.99
CA VAL A 66 17.05 11.32 6.22
C VAL A 66 16.31 10.99 4.93
N GLU A 67 17.04 10.99 3.82
CA GLU A 67 16.45 10.63 2.53
C GLU A 67 15.81 9.25 2.63
N GLU A 68 14.59 9.12 2.06
CA GLU A 68 13.87 7.86 2.13
C GLU A 68 14.70 6.71 1.57
N ASP A 69 15.47 6.97 0.51
CA ASP A 69 16.38 5.97 -0.03
C ASP A 69 17.33 5.44 1.03
N ALA A 70 17.80 6.32 1.91
CA ALA A 70 18.85 5.99 2.88
C ALA A 70 18.30 5.63 4.24
N PHE A 71 16.98 5.62 4.42
CA PHE A 71 16.40 5.56 5.76
C PHE A 71 16.65 4.22 6.44
N ASN A 72 16.30 3.11 5.77
CA ASN A 72 16.23 1.82 6.46
C ASN A 72 17.60 1.32 6.87
N THR A 73 18.63 1.49 6.03
CA THR A 73 19.93 0.96 6.37
C THR A 73 20.58 1.75 7.51
N LYS A 74 20.25 3.03 7.65
CA LYS A 74 20.72 3.78 8.81
C LYS A 74 20.06 3.28 10.08
N VAL A 75 18.77 2.92 10.01
CA VAL A 75 18.09 2.33 11.17
C VAL A 75 18.78 1.04 11.58
N VAL A 76 19.25 0.26 10.60
CA VAL A 76 19.98 -0.96 10.90
C VAL A 76 21.21 -0.65 11.75
N THR A 77 22.01 0.33 11.32
CA THR A 77 23.20 0.70 12.08
C THR A 77 22.82 1.22 13.46
N LEU A 78 21.85 2.12 13.52
CA LEU A 78 21.43 2.68 14.80
C LEU A 78 20.97 1.58 15.75
N ALA A 79 20.23 0.59 15.23
CA ALA A 79 19.77 -0.50 16.07
C ALA A 79 20.95 -1.31 16.62
N ARG A 80 21.92 -1.62 15.77
CA ARG A 80 23.09 -2.37 16.22
C ARG A 80 23.79 -1.66 17.37
N SER A 81 23.91 -0.33 17.29
CA SER A 81 24.62 0.44 18.29
C SER A 81 23.72 0.93 19.42
N GLY A 82 22.47 0.46 19.48
CA GLY A 82 21.58 0.87 20.54
C GLY A 82 21.34 2.36 20.61
N LYS A 83 21.12 2.99 19.46
CA LYS A 83 20.92 4.44 19.39
C LYS A 83 19.70 4.77 18.54
N LEU A 84 18.66 3.95 18.64
CA LEU A 84 17.45 4.20 17.85
C LEU A 84 16.79 5.50 18.31
N PRO A 85 16.26 6.30 17.39
CA PRO A 85 15.47 7.47 17.80
C PRO A 85 14.15 7.02 18.45
N ALA A 86 13.56 7.93 19.21
CA ALA A 86 12.32 7.61 19.92
C ALA A 86 11.20 7.28 18.95
N VAL A 87 11.05 8.07 17.89
CA VAL A 87 9.97 7.90 16.91
C VAL A 87 10.57 7.95 15.51
N MET A 88 10.06 7.08 14.64
CA MET A 88 10.58 6.92 13.29
C MET A 88 9.41 6.84 12.31
N GLU A 89 9.49 7.60 11.22
CA GLU A 89 8.59 7.42 10.09
C GLU A 89 9.08 6.20 9.30
N VAL A 90 8.24 5.17 9.22
CA VAL A 90 8.66 3.92 8.60
C VAL A 90 7.56 3.38 7.70
N SER A 91 7.96 2.61 6.70
CA SER A 91 7.02 1.83 5.92
C SER A 91 6.48 0.69 6.78
N GLN A 92 5.28 0.23 6.43
CA GLN A 92 4.68 -0.89 7.16
C GLN A 92 5.54 -2.14 7.04
N ASP A 93 6.15 -2.36 5.88
N ASP A 93 6.14 -2.35 5.87
CA ASP A 93 6.93 -3.58 5.71
CA ASP A 93 6.94 -3.56 5.68
C ASP A 93 8.26 -3.51 6.47
C ASP A 93 8.23 -3.50 6.49
N PHE A 94 8.87 -2.33 6.57
CA PHE A 94 10.06 -2.22 7.39
C PHE A 94 9.71 -2.25 8.88
N ALA A 95 8.54 -1.74 9.25
CA ALA A 95 8.07 -1.87 10.63
C ALA A 95 8.00 -3.34 11.04
N LYS A 96 7.59 -4.22 10.12
CA LYS A 96 7.55 -5.64 10.42
C LYS A 96 8.94 -6.19 10.72
N VAL A 97 9.95 -5.75 9.94
CA VAL A 97 11.31 -6.23 10.15
C VAL A 97 11.84 -5.75 11.51
N MET A 98 11.59 -4.49 11.86
CA MET A 98 12.01 -4.00 13.17
C MET A 98 11.30 -4.75 14.29
N ASP A 99 10.00 -5.02 14.13
CA ASP A 99 9.24 -5.70 15.16
C ASP A 99 9.74 -7.13 15.36
N LYS A 100 10.12 -7.81 14.28
CA LYS A 100 10.71 -9.14 14.42
C LYS A 100 11.91 -9.11 15.35
N ASP A 101 12.71 -8.05 15.27
CA ASP A 101 13.84 -7.84 16.17
C ASP A 101 13.43 -7.17 17.47
N GLU A 102 12.13 -7.06 17.75
CA GLU A 102 11.62 -6.55 19.02
C GLU A 102 12.09 -5.12 19.29
N LEU A 103 12.24 -4.34 18.23
CA LEU A 103 12.71 -2.96 18.35
C LEU A 103 11.59 -1.96 18.60
N ILE A 104 10.33 -2.40 18.58
CA ILE A 104 9.18 -1.51 18.59
C ILE A 104 8.36 -1.72 19.85
N ASP A 105 7.93 -0.61 20.47
CA ASP A 105 7.08 -0.65 21.66
C ASP A 105 5.63 -0.75 21.20
N GLN A 106 5.13 -1.98 21.10
CA GLN A 106 3.77 -2.19 20.59
C GLN A 106 2.73 -1.57 21.52
N ASP A 107 2.94 -1.67 22.83
CA ASP A 107 1.97 -1.12 23.78
C ASP A 107 1.81 0.38 23.58
N ALA A 108 2.93 1.10 23.48
CA ALA A 108 2.85 2.54 23.26
C ALA A 108 2.15 2.85 21.94
N VAL A 109 2.46 2.12 20.88
CA VAL A 109 1.77 2.33 19.61
C VAL A 109 0.29 2.06 19.77
N LYS A 110 -0.07 0.93 20.38
CA LYS A 110 -1.48 0.60 20.54
C LYS A 110 -2.21 1.66 21.36
N GLU A 111 -1.54 2.22 22.37
CA GLU A 111 -2.17 3.23 23.21
C GLU A 111 -2.53 4.47 22.40
N VAL A 112 -1.68 4.85 21.45
CA VAL A 112 -1.97 6.02 20.62
C VAL A 112 -3.17 5.74 19.71
N ILE A 113 -3.17 4.57 19.07
CA ILE A 113 -4.28 4.22 18.17
C ILE A 113 -5.58 4.17 18.95
N ASP A 114 -5.58 3.54 20.12
CA ASP A 114 -6.80 3.47 20.93
C ASP A 114 -7.21 4.85 21.44
N SER A 115 -6.24 5.73 21.71
CA SER A 115 -6.57 7.09 22.13
C SER A 115 -7.26 7.86 21.01
N VAL A 116 -6.73 7.77 19.79
CA VAL A 116 -7.44 8.30 18.64
C VAL A 116 -8.77 7.58 18.47
N GLY A 117 -8.75 6.25 18.63
CA GLY A 117 -9.92 5.43 18.41
C GLY A 117 -9.77 4.51 17.23
N GLU A 118 -9.77 3.19 17.47
CA GLU A 118 -9.65 2.23 16.37
C GLU A 118 -10.68 2.50 15.27
N ASP A 119 -11.89 2.94 15.66
CA ASP A 119 -12.96 3.14 14.70
C ASP A 119 -12.70 4.28 13.73
N LYS A 120 -11.75 5.17 14.03
CA LYS A 120 -11.46 6.29 13.14
C LYS A 120 -10.61 5.87 11.94
N TYR A 121 -9.97 4.71 12.00
CA TYR A 121 -9.12 4.24 10.91
C TYR A 121 -9.90 3.35 9.96
N TYR A 122 -9.65 3.53 8.66
CA TYR A 122 -10.14 2.55 7.69
C TYR A 122 -9.64 1.17 8.09
N GLU A 123 -10.52 0.17 7.96
CA GLU A 123 -10.23 -1.15 8.53
C GLU A 123 -8.90 -1.71 8.05
N GLY A 124 -8.62 -1.59 6.74
CA GLY A 124 -7.38 -2.14 6.22
C GLY A 124 -6.14 -1.43 6.74
N ALA A 125 -6.27 -0.15 7.10
CA ALA A 125 -5.12 0.62 7.58
C ALA A 125 -4.61 0.07 8.91
N THR A 126 -5.52 -0.20 9.84
CA THR A 126 -5.10 -0.81 11.11
C THR A 126 -4.72 -2.27 10.92
N ASN A 127 -5.38 -2.98 10.01
CA ASN A 127 -5.02 -4.37 9.74
C ASN A 127 -3.58 -4.49 9.26
N LEU A 128 -3.15 -3.59 8.37
CA LEU A 128 -1.81 -3.68 7.81
C LEU A 128 -0.73 -3.48 8.86
N VAL A 129 -1.04 -2.83 9.98
CA VAL A 129 -0.04 -2.58 11.01
C VAL A 129 -0.28 -3.47 12.24
N ARG A 130 -1.08 -4.52 12.10
CA ARG A 130 -1.31 -5.44 13.20
C ARG A 130 -0.09 -6.29 13.46
N SER A 131 0.19 -6.56 14.74
CA SER A 131 1.30 -7.42 15.09
C SER A 131 1.04 -8.84 14.58
N GLU A 132 2.07 -9.68 14.70
CA GLU A 132 2.00 -11.02 14.10
C GLU A 132 0.93 -11.88 14.76
N ASP A 133 0.65 -11.65 16.04
CA ASP A 133 -0.39 -12.38 16.74
C ASP A 133 -1.72 -11.64 16.75
N GLY A 134 -1.85 -10.56 15.98
CA GLY A 134 -3.09 -9.84 15.85
C GLY A 134 -3.58 -9.13 17.08
N LYS A 135 -2.80 -9.12 18.16
CA LYS A 135 -3.23 -8.54 19.43
C LYS A 135 -2.82 -7.09 19.60
N SER A 136 -1.90 -6.57 18.81
CA SER A 136 -1.39 -5.22 19.02
C SER A 136 -1.04 -4.61 17.66
N TYR A 137 -0.21 -3.56 17.68
CA TYR A 137 0.14 -2.82 16.48
C TYR A 137 1.64 -2.53 16.48
N ILE A 138 2.21 -2.38 15.29
CA ILE A 138 3.64 -2.10 15.15
C ILE A 138 3.92 -0.69 14.65
N ALA A 139 2.88 0.08 14.32
CA ALA A 139 3.06 1.47 13.89
C ALA A 139 1.70 2.15 13.86
N ALA A 140 1.72 3.47 14.02
CA ALA A 140 0.51 4.26 13.89
C ALA A 140 0.44 4.80 12.47
N PRO A 141 -0.56 4.41 11.67
CA PRO A 141 -0.54 4.81 10.25
C PRO A 141 -0.86 6.29 10.07
N LEU A 142 -0.18 6.91 9.11
CA LEU A 142 -0.43 8.29 8.75
C LEU A 142 -0.88 8.46 7.31
N SER A 143 -0.45 7.58 6.40
CA SER A 143 -0.79 7.70 5.00
C SER A 143 -0.62 6.33 4.36
N GLY A 144 -1.13 6.20 3.14
CA GLY A 144 -1.05 4.93 2.44
C GLY A 144 -1.33 5.11 0.97
N TRP A 145 -1.12 4.03 0.23
CA TRP A 145 -1.54 4.00 -1.16
C TRP A 145 -2.15 2.63 -1.47
N VAL A 146 -3.11 2.64 -2.38
CA VAL A 146 -3.82 1.44 -2.78
C VAL A 146 -3.58 1.24 -4.27
N GLN A 147 -3.87 0.02 -4.72
CA GLN A 147 -3.77 -0.34 -6.12
C GLN A 147 -5.05 -1.03 -6.56
N GLY A 148 -5.46 -0.75 -7.78
CA GLY A 148 -6.63 -1.36 -8.37
C GLY A 148 -6.57 -1.21 -9.87
N ILE A 149 -7.72 -1.38 -10.52
CA ILE A 149 -7.83 -1.27 -11.96
C ILE A 149 -8.36 0.13 -12.28
N TRP A 150 -7.45 1.04 -12.61
CA TRP A 150 -7.84 2.35 -13.12
C TRP A 150 -8.40 2.18 -14.52
N TYR A 151 -9.42 2.96 -14.86
CA TYR A 151 -10.00 2.82 -16.18
C TYR A 151 -10.50 4.16 -16.70
N ASN A 152 -10.53 4.25 -18.04
CA ASN A 152 -11.05 5.41 -18.76
C ASN A 152 -12.57 5.31 -18.77
N LYS A 153 -13.24 6.20 -18.02
CA LYS A 153 -14.68 6.07 -17.86
C LYS A 153 -15.41 6.23 -19.19
N LYS A 154 -15.03 7.24 -19.98
CA LYS A 154 -15.73 7.47 -21.24
C LYS A 154 -15.51 6.33 -22.22
N ALA A 155 -14.30 5.77 -22.25
CA ALA A 155 -14.03 4.68 -23.18
C ALA A 155 -14.90 3.47 -22.88
N LEU A 156 -14.98 3.07 -21.61
CA LEU A 156 -15.83 1.94 -21.25
C LEU A 156 -17.30 2.26 -21.51
N ALA A 157 -17.75 3.45 -21.13
CA ALA A 157 -19.13 3.84 -21.36
C ALA A 157 -19.46 3.81 -22.85
N ASP A 158 -18.59 4.40 -23.68
CA ASP A 158 -18.82 4.41 -25.12
C ASP A 158 -18.96 2.98 -25.65
N ALA A 159 -18.17 2.05 -25.13
CA ALA A 159 -18.22 0.67 -25.57
C ALA A 159 -19.36 -0.12 -24.93
N GLY A 160 -20.15 0.50 -24.06
CA GLY A 160 -21.30 -0.15 -23.47
C GLY A 160 -21.05 -0.89 -22.18
N PHE A 161 -19.94 -0.60 -21.49
CA PHE A 161 -19.57 -1.29 -20.28
C PHE A 161 -19.76 -0.40 -19.07
N GLU A 162 -20.29 -0.97 -18.00
CA GLU A 162 -20.24 -0.35 -16.69
C GLU A 162 -18.96 -0.81 -15.97
N GLU A 163 -18.72 -0.22 -14.81
CA GLU A 163 -17.50 -0.54 -14.06
C GLU A 163 -17.39 -2.05 -13.85
N PRO A 164 -16.28 -2.67 -14.25
CA PRO A 164 -16.16 -4.12 -14.07
C PRO A 164 -15.77 -4.49 -12.65
N LYS A 165 -16.34 -5.59 -12.16
CA LYS A 165 -16.11 -6.04 -10.80
C LYS A 165 -15.57 -7.46 -10.77
N ASN A 166 -16.29 -8.44 -11.32
CA ASN A 166 -15.89 -9.83 -11.21
C ASN A 166 -14.93 -10.20 -12.35
N TRP A 167 -14.37 -11.40 -12.24
CA TRP A 167 -13.38 -11.84 -13.21
C TRP A 167 -13.93 -11.84 -14.63
N ALA A 168 -15.19 -12.28 -14.80
CA ALA A 168 -15.77 -12.34 -16.14
C ALA A 168 -15.91 -10.95 -16.75
N ASP A 169 -16.38 -9.98 -15.97
CA ASP A 169 -16.55 -8.63 -16.48
C ASP A 169 -15.21 -8.02 -16.87
N ILE A 170 -14.20 -8.19 -16.01
CA ILE A 170 -12.87 -7.65 -16.33
C ILE A 170 -12.36 -8.24 -17.63
N GLU A 171 -12.44 -9.57 -17.76
CA GLU A 171 -11.98 -10.22 -18.99
C GLU A 171 -12.82 -9.83 -20.19
N LYS A 172 -14.12 -9.59 -19.99
CA LYS A 172 -14.98 -9.19 -21.10
C LYS A 172 -14.58 -7.83 -21.65
N VAL A 173 -14.31 -6.86 -20.78
CA VAL A 173 -13.86 -5.55 -21.24
C VAL A 173 -12.50 -5.69 -21.91
N ALA A 174 -11.57 -6.40 -21.27
CA ALA A 174 -10.23 -6.54 -21.81
C ALA A 174 -10.25 -7.16 -23.20
N LYS A 175 -11.06 -8.21 -23.40
CA LYS A 175 -11.13 -8.83 -24.71
C LYS A 175 -11.61 -7.85 -25.77
N LYS A 176 -12.66 -7.06 -25.45
CA LYS A 176 -13.24 -6.17 -26.44
C LYS A 176 -12.26 -5.08 -26.86
N PHE A 177 -11.39 -4.63 -25.97
CA PHE A 177 -10.47 -3.54 -26.26
C PHE A 177 -9.11 -4.01 -26.76
N THR A 178 -8.97 -5.28 -27.10
CA THR A 178 -7.71 -5.82 -27.61
C THR A 178 -7.80 -5.93 -29.13
N ASN A 179 -6.86 -5.29 -29.82
CA ASN A 179 -6.69 -5.45 -31.27
C ASN A 179 -5.19 -5.45 -31.52
N LYS A 180 -4.60 -6.65 -31.64
CA LYS A 180 -3.15 -6.77 -31.67
C LYS A 180 -2.56 -6.09 -32.90
N ALA A 181 -3.21 -6.24 -34.05
CA ALA A 181 -2.69 -5.61 -35.26
C ALA A 181 -2.54 -4.10 -35.09
N ASP A 182 -3.43 -3.47 -34.32
CA ASP A 182 -3.36 -2.05 -34.07
C ASP A 182 -2.57 -1.70 -32.82
N LYS A 183 -2.03 -2.70 -32.11
CA LYS A 183 -1.33 -2.48 -30.85
C LYS A 183 -2.24 -1.80 -29.82
N LYS A 184 -3.51 -2.21 -29.81
CA LYS A 184 -4.46 -1.85 -28.77
C LYS A 184 -4.69 -3.07 -27.88
N TYR A 185 -4.64 -2.88 -26.56
CA TYR A 185 -4.77 -3.97 -25.62
C TYR A 185 -5.81 -3.60 -24.56
N GLY A 186 -6.46 -4.63 -24.03
CA GLY A 186 -7.60 -4.42 -23.16
C GLY A 186 -7.26 -4.01 -21.76
N ILE A 187 -6.08 -4.35 -21.28
CA ILE A 187 -5.71 -4.06 -19.89
C ILE A 187 -4.20 -4.13 -19.77
N ALA A 188 -3.65 -3.24 -18.94
CA ALA A 188 -2.24 -3.25 -18.60
C ALA A 188 -2.09 -3.87 -17.22
N ILE A 189 -1.58 -5.09 -17.16
CA ILE A 189 -1.29 -5.75 -15.89
C ILE A 189 0.18 -6.13 -15.85
N PRO A 190 0.81 -6.16 -14.67
CA PRO A 190 2.23 -6.53 -14.62
C PRO A 190 2.45 -8.00 -14.93
N THR A 191 3.47 -8.25 -15.74
CA THR A 191 3.88 -9.61 -16.08
C THR A 191 5.37 -9.85 -15.84
N ALA A 192 6.12 -8.82 -15.45
CA ALA A 192 7.55 -8.97 -15.21
C ALA A 192 7.80 -9.73 -13.90
N GLU A 193 9.04 -10.21 -13.75
CA GLU A 193 9.47 -10.76 -12.47
C GLU A 193 9.78 -9.58 -11.55
N SER A 194 8.73 -9.05 -10.94
CA SER A 194 8.86 -7.90 -10.06
C SER A 194 7.77 -7.98 -9.00
N THR A 195 7.98 -7.24 -7.92
CA THR A 195 7.03 -7.27 -6.81
C THR A 195 5.66 -6.77 -7.23
N MET A 196 5.60 -5.87 -8.22
CA MET A 196 4.31 -5.39 -8.71
C MET A 196 3.47 -6.54 -9.25
N SER A 197 4.10 -7.51 -9.90
CA SER A 197 3.36 -8.67 -10.42
C SER A 197 2.76 -9.48 -9.27
N GLU A 198 3.52 -9.66 -8.19
CA GLU A 198 2.96 -10.31 -7.00
C GLU A 198 1.78 -9.53 -6.46
N GLN A 199 1.90 -8.20 -6.41
CA GLN A 199 0.85 -7.38 -5.83
C GLN A 199 -0.42 -7.44 -6.66
N ALA A 200 -0.32 -7.27 -7.97
CA ALA A 200 -1.50 -7.30 -8.83
C ALA A 200 -2.14 -8.68 -8.84
N PHE A 201 -1.32 -9.73 -8.97
CA PHE A 201 -1.87 -11.08 -8.92
C PHE A 201 -2.56 -11.34 -7.58
N SER A 202 -1.99 -10.83 -6.49
CA SER A 202 -2.56 -11.09 -5.17
C SER A 202 -3.99 -10.56 -5.07
N GLN A 203 -4.34 -9.54 -5.85
CA GLN A 203 -5.70 -9.03 -5.80
C GLN A 203 -6.68 -10.04 -6.38
N PHE A 204 -6.30 -10.70 -7.47
CA PHE A 204 -7.15 -11.76 -8.02
C PHE A 204 -7.14 -12.98 -7.11
N ALA A 205 -5.97 -13.38 -6.62
CA ALA A 205 -5.90 -14.51 -5.71
C ALA A 205 -6.76 -14.28 -4.48
N LEU A 206 -6.61 -13.11 -3.83
CA LEU A 206 -7.33 -12.87 -2.59
C LEU A 206 -8.81 -12.61 -2.83
N SER A 207 -9.18 -12.13 -4.02
CA SER A 207 -10.60 -12.04 -4.37
C SER A 207 -11.23 -13.42 -4.51
N ASN A 208 -10.42 -14.46 -4.71
CA ASN A 208 -10.86 -15.85 -4.71
C ASN A 208 -10.54 -16.53 -3.39
N LYS A 209 -10.25 -15.76 -2.35
CA LYS A 209 -9.94 -16.29 -1.01
C LYS A 209 -8.70 -17.16 -1.02
N ALA A 210 -7.75 -16.86 -1.91
CA ALA A 210 -6.49 -17.57 -1.99
C ALA A 210 -5.39 -16.67 -1.41
N ASN A 211 -4.81 -17.09 -0.30
CA ASN A 211 -3.70 -16.39 0.34
C ASN A 211 -2.49 -17.31 0.37
N VAL A 212 -1.30 -16.70 0.27
CA VAL A 212 -0.06 -17.49 0.23
C VAL A 212 0.24 -18.15 1.56
N LEU A 213 -0.27 -17.61 2.67
CA LEU A 213 -0.13 -18.22 3.98
C LEU A 213 -1.52 -18.37 4.62
N ASP A 214 -1.65 -19.37 5.48
CA ASP A 214 -2.83 -19.53 6.31
C ASP A 214 -2.58 -18.89 7.67
N ALA A 215 -3.61 -18.88 8.51
CA ALA A 215 -3.53 -18.20 9.79
C ALA A 215 -2.41 -18.74 10.67
N LYS A 216 -1.95 -19.97 10.42
CA LYS A 216 -0.90 -20.59 11.23
C LYS A 216 0.48 -20.44 10.62
N GLY A 217 0.60 -19.71 9.51
CA GLY A 217 1.89 -19.52 8.88
C GLY A 217 2.31 -20.62 7.94
N ASN A 218 1.44 -21.60 7.69
CA ASN A 218 1.74 -22.62 6.69
C ASN A 218 1.69 -22.01 5.30
N VAL A 219 2.59 -22.46 4.43
CA VAL A 219 2.62 -22.00 3.04
C VAL A 219 1.49 -22.70 2.28
N THR A 220 0.59 -21.91 1.67
CA THR A 220 -0.59 -22.44 0.99
C THR A 220 -0.66 -21.83 -0.42
N ILE A 221 0.31 -22.19 -1.25
CA ILE A 221 0.36 -21.73 -2.63
C ILE A 221 -0.31 -22.74 -3.56
N ASP A 222 0.04 -24.02 -3.45
CA ASP A 222 -0.48 -25.05 -4.34
C ASP A 222 -1.84 -25.54 -3.82
N THR A 223 -2.83 -24.68 -3.94
CA THR A 223 -4.20 -24.97 -3.52
C THR A 223 -5.14 -24.85 -4.72
N PRO A 224 -6.35 -25.43 -4.62
CA PRO A 224 -7.31 -25.26 -5.72
C PRO A 224 -7.68 -23.81 -5.99
N GLU A 225 -7.91 -23.01 -4.93
CA GLU A 225 -8.31 -21.63 -5.14
C GLU A 225 -7.19 -20.79 -5.74
N MET A 226 -5.93 -21.09 -5.40
CA MET A 226 -4.81 -20.34 -5.97
C MET A 226 -4.60 -20.74 -7.43
N LYS A 227 -4.77 -22.02 -7.75
CA LYS A 227 -4.69 -22.46 -9.14
C LYS A 227 -5.75 -21.77 -10.00
N GLU A 228 -6.96 -21.59 -9.44
CA GLU A 228 -8.00 -20.88 -10.19
C GLU A 228 -7.59 -19.45 -10.49
N ALA A 229 -7.00 -18.77 -9.50
CA ALA A 229 -6.61 -17.38 -9.70
C ALA A 229 -5.43 -17.27 -10.66
N LEU A 230 -4.45 -18.18 -10.55
CA LEU A 230 -3.29 -18.11 -11.43
C LEU A 230 -3.66 -18.43 -12.87
N GLN A 231 -4.53 -19.41 -13.08
CA GLN A 231 -5.01 -19.66 -14.44
C GLN A 231 -5.75 -18.45 -14.98
N TYR A 232 -6.55 -17.79 -14.14
CA TYR A 232 -7.28 -16.62 -14.61
C TYR A 232 -6.35 -15.47 -14.95
N TYR A 233 -5.32 -15.24 -14.12
CA TYR A 233 -4.34 -14.21 -14.45
C TYR A 233 -3.65 -14.52 -15.77
N LYS A 234 -3.32 -15.79 -16.00
CA LYS A 234 -2.78 -16.20 -17.29
C LYS A 234 -3.77 -15.89 -18.41
N ASP A 235 -5.04 -16.29 -18.23
CA ASP A 235 -6.05 -16.01 -19.24
C ASP A 235 -6.15 -14.51 -19.52
N LEU A 236 -6.14 -13.68 -18.46
CA LEU A 236 -6.28 -12.25 -18.64
C LEU A 236 -5.08 -11.66 -19.36
N SER A 237 -3.89 -12.24 -19.20
CA SER A 237 -2.69 -11.72 -19.83
C SER A 237 -2.70 -11.90 -21.35
N ALA A 238 -3.64 -12.69 -21.89
CA ALA A 238 -3.81 -12.72 -23.33
C ALA A 238 -4.20 -11.35 -23.89
N TYR A 239 -4.70 -10.46 -23.03
CA TYR A 239 -5.22 -9.16 -23.47
C TYR A 239 -4.38 -7.99 -22.96
N THR A 240 -3.16 -8.25 -22.49
CA THR A 240 -2.24 -7.19 -22.08
C THR A 240 -1.09 -7.11 -23.09
N MET A 241 -0.29 -6.07 -22.96
CA MET A 241 0.79 -5.83 -23.91
C MET A 241 1.73 -7.03 -23.92
N PRO A 242 2.20 -7.47 -25.09
CA PRO A 242 3.12 -8.60 -25.14
C PRO A 242 4.44 -8.27 -24.47
N GLY A 243 5.11 -9.32 -24.01
CA GLY A 243 6.38 -9.17 -23.35
C GLY A 243 6.22 -8.90 -21.86
N SER A 244 7.26 -8.30 -21.29
CA SER A 244 7.35 -8.07 -19.86
C SER A 244 6.80 -6.69 -19.53
N ASN A 245 5.75 -6.64 -18.72
CA ASN A 245 5.11 -5.39 -18.31
C ASN A 245 5.48 -5.11 -16.86
N ASP A 246 6.08 -3.95 -16.62
CA ASP A 246 6.36 -3.48 -15.27
C ASP A 246 5.82 -2.06 -15.16
N VAL A 247 6.31 -1.30 -14.18
CA VAL A 247 5.75 0.01 -13.87
C VAL A 247 5.71 0.89 -15.10
N THR A 248 6.81 0.96 -15.84
CA THR A 248 6.90 1.89 -16.96
C THR A 248 5.95 1.49 -18.08
N GLU A 249 5.92 0.20 -18.45
CA GLU A 249 5.04 -0.23 -19.53
C GLU A 249 3.58 0.08 -19.19
N ILE A 250 3.18 -0.15 -17.95
CA ILE A 250 1.79 0.02 -17.56
C ILE A 250 1.39 1.49 -17.59
N LYS A 251 2.19 2.34 -16.93
CA LYS A 251 1.87 3.77 -16.90
C LYS A 251 1.84 4.35 -18.31
N ASP A 252 2.85 4.03 -19.11
CA ASP A 252 2.88 4.53 -20.50
C ASP A 252 1.62 4.10 -21.25
N ALA A 253 1.27 2.82 -21.17
CA ALA A 253 0.13 2.32 -21.93
C ALA A 253 -1.17 3.01 -21.50
N PHE A 254 -1.34 3.26 -20.21
CA PHE A 254 -2.55 3.93 -19.76
C PHE A 254 -2.55 5.40 -20.15
N MET A 255 -1.40 6.07 -20.05
CA MET A 255 -1.35 7.51 -20.26
C MET A 255 -1.48 7.87 -21.74
N ASN A 256 -1.04 7.00 -22.64
CA ASN A 256 -1.11 7.30 -24.07
C ASN A 256 -2.30 6.64 -24.76
N GLY A 257 -3.16 5.95 -24.01
CA GLY A 257 -4.38 5.42 -24.58
C GLY A 257 -4.27 4.06 -25.22
N THR A 258 -3.17 3.34 -25.00
CA THR A 258 -3.05 1.99 -25.54
C THR A 258 -4.05 1.05 -24.89
N VAL A 259 -4.36 1.26 -23.62
CA VAL A 259 -5.30 0.41 -22.87
C VAL A 259 -6.36 1.28 -22.21
N PRO A 260 -7.59 0.78 -22.05
CA PRO A 260 -8.59 1.50 -21.24
C PRO A 260 -8.52 1.18 -19.75
N MET A 261 -7.81 0.13 -19.36
CA MET A 261 -7.71 -0.31 -17.99
C MET A 261 -6.24 -0.58 -17.66
N ALA A 262 -5.84 -0.25 -16.44
CA ALA A 262 -4.46 -0.46 -16.02
C ALA A 262 -4.40 -0.64 -14.51
N MET A 263 -3.61 -1.61 -14.07
CA MET A 263 -3.39 -1.85 -12.65
C MET A 263 -2.14 -1.11 -12.21
N TYR A 264 -2.29 -0.29 -11.18
CA TYR A 264 -1.26 0.66 -10.78
C TYR A 264 -1.67 1.25 -9.44
N SER A 265 -0.68 1.73 -8.69
CA SER A 265 -0.96 2.40 -7.43
C SER A 265 -1.59 3.75 -7.69
N THR A 266 -1.97 4.44 -6.60
CA THR A 266 -2.49 5.78 -6.70
C THR A 266 -1.45 6.77 -7.18
N TYR A 267 -0.22 6.32 -7.35
CA TYR A 267 0.82 7.17 -7.92
C TYR A 267 0.55 7.51 -9.38
N ILE A 268 -0.47 6.91 -10.00
CA ILE A 268 -0.84 7.28 -11.36
C ILE A 268 -1.55 8.62 -11.40
N LEU A 269 -2.12 9.05 -10.28
CA LEU A 269 -3.07 10.16 -10.26
C LEU A 269 -2.40 11.51 -10.50
N PRO A 270 -1.21 11.76 -9.95
CA PRO A 270 -0.51 13.01 -10.31
C PRO A 270 -0.29 13.15 -11.81
N SER A 271 -0.02 12.04 -12.51
CA SER A 271 0.13 12.09 -13.95
C SER A 271 -1.21 12.42 -14.63
N VAL A 272 -2.30 11.82 -14.15
CA VAL A 272 -3.61 12.13 -14.72
C VAL A 272 -3.93 13.61 -14.53
N TYR A 273 -3.63 14.14 -13.35
CA TYR A 273 -3.89 15.55 -13.08
C TYR A 273 -3.11 16.45 -14.04
N GLU A 274 -1.83 16.13 -14.26
CA GLU A 274 -0.97 17.00 -15.06
C GLU A 274 -1.18 16.81 -16.55
N GLU A 275 -1.47 15.58 -17.01
CA GLU A 275 -1.52 15.29 -18.43
C GLU A 275 -2.85 14.74 -18.92
N GLY A 276 -3.77 14.39 -18.02
CA GLY A 276 -5.02 13.79 -18.43
C GLY A 276 -6.24 14.52 -17.90
N ASP A 277 -7.35 13.80 -17.78
CA ASP A 277 -8.62 14.36 -17.31
C ASP A 277 -8.98 13.74 -15.97
N PRO A 278 -8.77 14.42 -14.85
CA PRO A 278 -9.08 13.80 -13.54
C PRO A 278 -10.53 13.38 -13.39
N LYS A 279 -11.43 13.88 -14.23
CA LYS A 279 -12.83 13.52 -14.15
C LYS A 279 -13.19 12.31 -15.00
N ASN A 280 -12.25 11.77 -15.78
CA ASN A 280 -12.51 10.65 -16.67
C ASN A 280 -11.82 9.36 -16.21
N ILE A 281 -11.46 9.26 -14.94
CA ILE A 281 -10.75 8.10 -14.43
C ILE A 281 -11.58 7.47 -13.31
N GLY A 282 -11.86 6.17 -13.44
CA GLY A 282 -12.54 5.41 -12.42
C GLY A 282 -11.58 4.40 -11.77
N PHE A 283 -12.08 3.78 -10.71
CA PHE A 283 -11.29 2.87 -9.88
C PHE A 283 -12.09 1.60 -9.66
N ALA A 284 -11.67 0.51 -10.30
CA ALA A 284 -12.35 -0.78 -10.20
C ALA A 284 -11.54 -1.73 -9.32
N ILE A 285 -12.23 -2.48 -8.49
CA ILE A 285 -11.62 -3.38 -7.51
C ILE A 285 -11.98 -4.82 -7.90
N PRO A 286 -11.00 -5.70 -8.10
CA PRO A 286 -11.33 -7.11 -8.35
C PRO A 286 -12.19 -7.68 -7.23
N GLU A 287 -13.30 -8.31 -7.61
CA GLU A 287 -14.24 -8.86 -6.64
C GLU A 287 -14.86 -10.12 -7.23
N GLU A 288 -14.46 -11.28 -6.71
CA GLU A 288 -15.04 -12.54 -7.18
C GLU A 288 -15.80 -13.18 -6.03
N LYS A 289 -15.09 -13.80 -5.09
CA LYS A 289 -15.70 -14.20 -3.83
C LYS A 289 -15.66 -13.10 -2.79
N GLU A 290 -14.65 -12.22 -2.85
CA GLU A 290 -14.64 -11.01 -2.05
C GLU A 290 -13.82 -9.96 -2.78
N LYS A 291 -13.93 -8.72 -2.31
CA LYS A 291 -13.14 -7.61 -2.84
C LYS A 291 -11.72 -7.71 -2.31
N ALA A 292 -10.75 -7.38 -3.16
CA ALA A 292 -9.34 -7.39 -2.76
C ALA A 292 -8.67 -6.13 -3.30
N VAL A 293 -8.46 -5.16 -2.43
CA VAL A 293 -7.67 -3.97 -2.73
C VAL A 293 -6.26 -4.22 -2.21
N TYR A 294 -5.26 -4.16 -3.09
CA TYR A 294 -3.90 -4.15 -2.59
C TYR A 294 -3.59 -2.77 -2.01
N GLY A 295 -2.90 -2.75 -0.88
CA GLY A 295 -2.55 -1.49 -0.27
C GLY A 295 -1.34 -1.63 0.63
N THR A 296 -0.72 -0.49 0.90
CA THR A 296 0.34 -0.41 1.89
C THR A 296 0.17 0.90 2.65
N VAL A 297 0.88 1.00 3.76
CA VAL A 297 0.68 2.10 4.70
C VAL A 297 2.04 2.51 5.23
N SER A 298 2.19 3.80 5.50
CA SER A 298 3.36 4.33 6.19
C SER A 298 2.86 5.12 7.40
N GLY A 299 3.72 5.26 8.39
CA GLY A 299 3.34 5.97 9.59
C GLY A 299 4.48 6.11 10.57
N LEU A 300 4.14 6.18 11.85
CA LEU A 300 5.12 6.41 12.91
C LEU A 300 5.19 5.19 13.80
N THR A 301 6.41 4.75 14.10
CA THR A 301 6.61 3.71 15.10
C THR A 301 7.41 4.27 16.25
N ILE A 302 7.33 3.58 17.38
CA ILE A 302 7.94 4.01 18.63
C ILE A 302 8.96 2.96 19.05
N SER A 303 10.19 3.40 19.28
CA SER A 303 11.27 2.48 19.63
C SER A 303 11.06 1.91 21.02
N ALA A 304 11.36 0.62 21.16
CA ALA A 304 11.28 -0.03 22.46
C ALA A 304 12.35 0.51 23.39
N GLY A 305 12.07 0.40 24.69
CA GLY A 305 13.06 0.70 25.71
C GLY A 305 13.16 2.15 26.13
N LEU A 306 12.14 2.96 25.86
CA LEU A 306 12.20 4.37 26.19
C LEU A 306 11.90 4.59 27.68
N ASP A 307 12.57 5.59 28.26
CA ASP A 307 12.29 5.98 29.63
C ASP A 307 10.87 6.55 29.72
N ASP A 308 10.40 6.65 30.97
CA ASP A 308 8.99 6.99 31.19
C ASP A 308 8.63 8.32 30.52
N GLU A 309 9.27 9.41 30.95
CA GLU A 309 8.90 10.71 30.41
C GLU A 309 9.11 10.79 28.91
N GLN A 310 10.11 10.07 28.38
CA GLN A 310 10.33 10.07 26.94
C GLN A 310 9.21 9.32 26.22
N LYS A 311 8.77 8.19 26.77
CA LYS A 311 7.70 7.43 26.14
C LYS A 311 6.39 8.23 26.11
N LYS A 312 6.09 8.93 27.21
CA LYS A 312 4.87 9.73 27.25
C LYS A 312 4.94 10.89 26.26
N ALA A 313 6.13 11.49 26.11
CA ALA A 313 6.26 12.58 25.13
C ALA A 313 6.13 12.06 23.71
N THR A 314 6.69 10.87 23.43
CA THR A 314 6.59 10.30 22.09
C THR A 314 5.14 9.97 21.76
N LYS A 315 4.43 9.33 22.68
CA LYS A 315 3.02 9.03 22.45
C LYS A 315 2.23 10.29 22.14
N LYS A 316 2.46 11.36 22.91
CA LYS A 316 1.78 12.63 22.63
C LYS A 316 2.11 13.14 21.24
N PHE A 317 3.39 13.07 20.85
CA PHE A 317 3.78 13.56 19.54
C PHE A 317 3.12 12.74 18.43
N VAL A 318 3.12 11.41 18.57
CA VAL A 318 2.50 10.56 17.56
C VAL A 318 1.00 10.81 17.50
N GLU A 319 0.35 10.93 18.67
CA GLU A 319 -1.07 11.23 18.68
C GLU A 319 -1.35 12.60 18.08
N TYR A 320 -0.45 13.56 18.30
CA TYR A 320 -0.63 14.87 17.70
C TYR A 320 -0.63 14.80 16.18
N LEU A 321 0.40 14.18 15.61
CA LEU A 321 0.47 14.05 14.16
C LEU A 321 -0.65 13.18 13.59
N SER A 322 -1.24 12.32 14.43
CA SER A 322 -2.32 11.44 13.99
C SER A 322 -3.69 12.11 14.02
N GLN A 323 -3.77 13.34 14.51
CA GLN A 323 -5.04 14.05 14.48
C GLN A 323 -5.44 14.34 13.03
N PRO A 324 -6.75 14.33 12.74
CA PRO A 324 -7.16 14.46 11.33
C PRO A 324 -6.65 15.73 10.67
N GLU A 325 -6.63 16.86 11.39
CA GLU A 325 -6.20 18.10 10.77
C GLU A 325 -4.72 18.06 10.41
N ASN A 326 -3.91 17.32 11.16
CA ASN A 326 -2.49 17.19 10.86
C ASN A 326 -2.21 16.04 9.92
N MET A 327 -3.04 14.99 9.94
CA MET A 327 -2.98 13.97 8.91
C MET A 327 -3.22 14.59 7.54
N ALA A 328 -4.25 15.43 7.42
CA ALA A 328 -4.53 16.09 6.15
C ALA A 328 -3.29 16.82 5.64
N THR A 329 -2.64 17.60 6.51
CA THR A 329 -1.40 18.28 6.13
C THR A 329 -0.35 17.26 5.70
N TRP A 330 -0.19 16.20 6.48
CA TRP A 330 0.81 15.17 6.16
C TRP A 330 0.54 14.56 4.80
N VAL A 331 -0.70 14.11 4.56
CA VAL A 331 -1.03 13.50 3.28
C VAL A 331 -0.86 14.49 2.14
N LEU A 332 -1.31 15.74 2.35
CA LEU A 332 -1.26 16.73 1.28
C LEU A 332 0.17 17.10 0.91
N MET A 333 1.10 17.03 1.87
CA MET A 333 2.50 17.30 1.55
C MET A 333 3.23 16.05 1.07
N SER A 334 2.71 14.86 1.36
CA SER A 334 3.32 13.63 0.90
C SER A 334 3.31 13.58 -0.64
N PRO A 335 4.17 12.76 -1.23
CA PRO A 335 4.15 12.61 -2.69
C PRO A 335 2.73 12.35 -3.19
N GLY A 336 2.44 12.87 -4.37
CA GLY A 336 1.13 12.70 -4.99
C GLY A 336 0.65 11.28 -4.95
N GLY A 337 -0.66 11.08 -4.82
CA GLY A 337 -1.21 9.76 -4.70
C GLY A 337 -1.21 9.19 -3.30
N ALA A 338 -0.60 9.88 -2.33
CA ALA A 338 -0.74 9.48 -0.94
C ALA A 338 -2.20 9.64 -0.52
N GLN A 339 -2.67 8.73 0.32
CA GLN A 339 -4.07 8.70 0.74
C GLN A 339 -4.17 8.71 2.25
N PRO A 340 -5.24 9.27 2.80
CA PRO A 340 -5.43 9.24 4.25
C PRO A 340 -5.92 7.88 4.72
N VAL A 341 -5.60 7.59 5.98
CA VAL A 341 -6.02 6.34 6.63
C VAL A 341 -6.97 6.57 7.79
N ASN A 342 -7.31 7.83 8.08
CA ASN A 342 -8.30 8.19 9.10
C ASN A 342 -9.54 8.71 8.39
N LYS A 343 -10.71 8.20 8.78
CA LYS A 343 -11.94 8.51 8.06
C LYS A 343 -12.29 9.99 8.09
N GLU A 344 -11.76 10.74 9.05
CA GLU A 344 -12.12 12.15 9.20
C GLU A 344 -11.32 13.07 8.29
N VAL A 345 -10.25 12.58 7.66
CA VAL A 345 -9.42 13.46 6.85
C VAL A 345 -10.19 13.96 5.63
N VAL A 346 -10.98 13.09 4.99
CA VAL A 346 -11.73 13.50 3.82
C VAL A 346 -12.77 14.55 4.16
N GLU A 347 -13.12 14.70 5.44
CA GLU A 347 -14.06 15.72 5.87
C GLU A 347 -13.35 16.99 6.35
N GLN A 348 -12.02 17.01 6.39
CA GLN A 348 -11.30 18.22 6.76
C GLN A 348 -11.37 19.24 5.64
N LYS A 349 -11.44 20.52 6.03
CA LYS A 349 -11.63 21.58 5.04
C LYS A 349 -10.43 21.67 4.10
N ALA A 350 -9.22 21.58 4.63
CA ALA A 350 -8.03 21.73 3.80
C ALA A 350 -7.90 20.59 2.79
N TYR A 351 -8.43 19.41 3.11
CA TYR A 351 -8.45 18.32 2.14
C TYR A 351 -9.57 18.53 1.14
N LYS A 352 -10.81 18.66 1.63
CA LYS A 352 -11.96 18.84 0.74
C LYS A 352 -11.71 19.95 -0.28
N GLU A 353 -11.16 21.08 0.17
CA GLU A 353 -11.02 22.26 -0.67
C GLU A 353 -9.68 22.34 -1.39
N ASN A 354 -8.80 21.37 -1.21
CA ASN A 354 -7.57 21.36 -1.99
C ASN A 354 -7.90 21.30 -3.47
N GLU A 355 -7.12 22.02 -4.28
CA GLU A 355 -7.49 22.18 -5.68
C GLU A 355 -7.23 20.91 -6.48
N VAL A 356 -6.17 20.16 -6.14
CA VAL A 356 -5.93 18.89 -6.82
C VAL A 356 -7.00 17.88 -6.41
N ILE A 357 -7.28 17.77 -5.11
CA ILE A 357 -8.36 16.90 -4.64
C ILE A 357 -9.66 17.28 -5.33
N LYS A 358 -9.94 18.58 -5.42
CA LYS A 358 -11.20 19.04 -5.99
C LYS A 358 -11.35 18.55 -7.43
N SER A 359 -10.25 18.56 -8.20
CA SER A 359 -10.33 18.25 -9.62
C SER A 359 -10.74 16.81 -9.88
N PHE A 360 -10.64 15.93 -8.88
CA PHE A 360 -10.97 14.52 -9.05
C PHE A 360 -12.40 14.18 -8.64
N GLY A 361 -13.20 15.17 -8.27
CA GLY A 361 -14.62 14.93 -8.05
C GLY A 361 -14.86 14.01 -6.87
N ASP A 362 -15.75 13.03 -7.07
CA ASP A 362 -16.08 12.06 -6.02
C ASP A 362 -14.99 11.03 -5.80
N LEU A 363 -13.99 10.94 -6.68
CA LEU A 363 -13.06 9.82 -6.63
C LEU A 363 -12.24 9.77 -5.35
N PRO A 364 -11.70 10.88 -4.82
CA PRO A 364 -10.86 10.76 -3.62
C PRO A 364 -11.58 10.12 -2.44
N ASN A 365 -12.86 10.40 -2.27
CA ASN A 365 -13.62 9.72 -1.21
C ASN A 365 -13.72 8.24 -1.49
N GLU A 366 -13.89 7.86 -2.76
CA GLU A 366 -13.98 6.45 -3.12
C GLU A 366 -12.65 5.75 -2.91
N ILE A 367 -11.54 6.38 -3.30
CA ILE A 367 -10.23 5.77 -3.11
C ILE A 367 -9.95 5.56 -1.62
N ALA A 368 -10.14 6.60 -0.82
CA ALA A 368 -9.89 6.48 0.61
C ALA A 368 -10.70 5.33 1.21
N ALA A 369 -11.99 5.25 0.85
CA ALA A 369 -12.85 4.21 1.40
C ALA A 369 -12.40 2.81 0.99
N SER A 370 -11.67 2.68 -0.11
CA SER A 370 -11.20 1.36 -0.52
C SER A 370 -10.24 0.76 0.50
N PHE A 371 -9.67 1.58 1.39
CA PHE A 371 -8.84 1.04 2.46
C PHE A 371 -9.64 0.12 3.38
N ASN A 372 -10.96 0.18 3.34
CA ASN A 372 -11.78 -0.74 4.12
C ASN A 372 -11.78 -2.16 3.55
N ASP A 373 -11.29 -2.36 2.33
CA ASP A 373 -11.30 -3.66 1.68
C ASP A 373 -9.90 -4.14 1.35
N ILE A 374 -8.89 -3.71 2.12
CA ILE A 374 -7.53 -4.13 1.87
C ILE A 374 -7.40 -5.63 2.10
N GLN A 375 -6.74 -6.31 1.17
CA GLN A 375 -6.29 -7.69 1.36
C GLN A 375 -4.90 -7.80 0.74
N VAL A 376 -3.96 -8.40 1.47
CA VAL A 376 -2.60 -8.60 0.99
C VAL A 376 -2.12 -9.97 1.43
N PHE A 377 -1.24 -10.57 0.61
CA PHE A 377 -0.64 -11.84 0.97
C PHE A 377 0.03 -11.73 2.34
N GLY A 378 -0.18 -12.74 3.18
CA GLY A 378 0.45 -12.79 4.49
C GLY A 378 -0.30 -12.09 5.59
N LEU A 379 -1.31 -11.29 5.26
CA LEU A 379 -2.25 -10.76 6.25
C LEU A 379 -3.45 -11.71 6.30
N VAL A 380 -3.55 -12.49 7.38
CA VAL A 380 -4.58 -13.51 7.51
C VAL A 380 -5.21 -13.35 8.88
N ASP A 381 -6.53 -13.12 8.91
CA ASP A 381 -7.30 -13.04 10.15
C ASP A 381 -6.68 -12.02 11.11
N GLY A 382 -6.59 -10.78 10.64
CA GLY A 382 -6.04 -9.71 11.45
C GLY A 382 -4.62 -9.95 11.93
N LYS A 383 -3.91 -10.89 11.32
CA LYS A 383 -2.53 -11.20 11.68
C LYS A 383 -1.65 -10.91 10.49
N ASN A 384 -0.61 -10.11 10.69
CA ASN A 384 0.39 -9.84 9.66
C ASN A 384 1.59 -10.73 9.95
N LEU A 385 1.71 -11.82 9.20
CA LEU A 385 2.77 -12.80 9.43
C LEU A 385 4.06 -12.31 8.79
N THR A 386 5.13 -12.21 9.60
CA THR A 386 6.40 -11.73 9.08
C THR A 386 7.06 -12.73 8.15
N LYS A 387 6.61 -13.99 8.15
CA LYS A 387 7.14 -14.97 7.21
C LYS A 387 6.92 -14.53 5.76
N MET A 388 5.86 -13.76 5.50
CA MET A 388 5.56 -13.38 4.12
C MET A 388 6.66 -12.50 3.54
N GLY A 389 7.32 -11.68 4.36
CA GLY A 389 8.37 -10.83 3.86
C GLY A 389 9.46 -11.59 3.14
N ASP A 390 9.84 -12.76 3.68
CA ASP A 390 10.88 -13.56 3.04
C ASP A 390 10.40 -14.12 1.70
N ILE A 391 9.13 -14.53 1.62
CA ILE A 391 8.60 -15.03 0.35
C ILE A 391 8.65 -13.94 -0.70
N THR A 392 8.21 -12.74 -0.35
CA THR A 392 8.24 -11.63 -1.29
C THR A 392 9.69 -11.28 -1.66
N SER A 393 10.58 -11.22 -0.66
CA SER A 393 11.96 -10.86 -0.92
C SER A 393 12.61 -11.84 -1.89
N SER A 394 12.29 -13.13 -1.77
CA SER A 394 12.91 -14.13 -2.64
C SER A 394 12.32 -14.13 -4.04
N GLY A 395 11.24 -13.39 -4.29
CA GLY A 395 10.70 -13.27 -5.63
C GLY A 395 9.95 -14.48 -6.14
N ILE A 396 9.49 -15.35 -5.23
CA ILE A 396 8.90 -16.62 -5.66
C ILE A 396 7.60 -16.38 -6.43
N ILE A 397 6.73 -15.53 -5.90
CA ILE A 397 5.45 -15.31 -6.55
C ILE A 397 5.64 -14.58 -7.87
N ALA A 398 6.47 -13.54 -7.87
CA ALA A 398 6.71 -12.78 -9.09
C ALA A 398 7.25 -13.67 -10.20
N GLN A 399 8.14 -14.60 -9.85
CA GLN A 399 8.68 -15.53 -10.84
C GLN A 399 7.59 -16.47 -11.34
N MET A 400 6.71 -16.91 -10.44
CA MET A 400 5.60 -17.77 -10.85
C MET A 400 4.66 -17.04 -11.80
N VAL A 401 4.32 -15.80 -11.50
CA VAL A 401 3.46 -15.02 -12.39
C VAL A 401 4.18 -14.73 -13.69
N ASN A 402 5.47 -14.38 -13.61
CA ASN A 402 6.23 -14.05 -14.81
C ASN A 402 6.26 -15.23 -15.78
N ASN A 403 6.45 -16.45 -15.27
CA ASN A 403 6.62 -17.58 -16.16
C ASN A 403 5.31 -18.07 -16.75
N VAL A 404 4.19 -17.95 -16.01
CA VAL A 404 2.92 -18.40 -16.61
C VAL A 404 2.46 -17.41 -17.67
N THR A 405 2.76 -16.12 -17.49
CA THR A 405 2.34 -15.11 -18.46
C THR A 405 3.38 -14.98 -19.58
N VAL A 406 4.48 -14.28 -19.30
CA VAL A 406 5.49 -14.06 -20.33
C VAL A 406 6.08 -15.38 -20.80
N GLY A 407 6.33 -16.31 -19.88
CA GLY A 407 6.93 -17.57 -20.24
C GLY A 407 5.99 -18.61 -20.83
N GLY A 408 4.70 -18.33 -20.84
CA GLY A 408 3.74 -19.32 -21.32
C GLY A 408 3.85 -20.64 -20.62
N GLY A 409 4.26 -20.64 -19.35
CA GLY A 409 4.49 -21.87 -18.64
C GLY A 409 3.21 -22.48 -18.09
N ASP A 410 3.36 -23.68 -17.54
CA ASP A 410 2.22 -24.46 -17.07
C ASP A 410 1.83 -24.03 -15.66
N VAL A 411 0.54 -23.72 -15.49
CA VAL A 411 0.06 -23.22 -14.19
C VAL A 411 0.33 -24.26 -13.10
N SER A 412 -0.02 -25.51 -13.35
CA SER A 412 0.12 -26.54 -12.32
C SER A 412 1.58 -26.69 -11.88
N ALA A 413 2.49 -26.82 -12.84
CA ALA A 413 3.90 -27.03 -12.50
C ALA A 413 4.48 -25.83 -11.77
N ASP A 414 4.11 -24.62 -12.18
CA ASP A 414 4.65 -23.43 -11.54
C ASP A 414 4.11 -23.27 -10.12
N LEU A 415 2.87 -23.69 -9.87
CA LEU A 415 2.36 -23.71 -8.51
C LEU A 415 3.17 -24.64 -7.62
N LYS A 416 3.41 -25.86 -8.09
CA LYS A 416 4.20 -26.82 -7.32
C LYS A 416 5.60 -26.29 -7.05
N ALA A 417 6.26 -25.76 -8.07
CA ALA A 417 7.61 -25.24 -7.89
C ALA A 417 7.62 -24.09 -6.89
N ALA A 418 6.65 -23.17 -6.99
CA ALA A 418 6.59 -22.07 -6.04
C ALA A 418 6.32 -22.57 -4.62
N GLN A 419 5.39 -23.51 -4.48
CA GLN A 419 5.10 -24.08 -3.16
C GLN A 419 6.36 -24.66 -2.53
N LYS A 420 7.10 -25.46 -3.30
CA LYS A 420 8.29 -26.11 -2.76
C LYS A 420 9.36 -25.09 -2.38
N LYS A 421 9.56 -24.07 -3.21
CA LYS A 421 10.57 -23.06 -2.87
C LYS A 421 10.17 -22.24 -1.66
N ALA A 422 8.88 -21.88 -1.57
CA ALA A 422 8.41 -21.08 -0.43
C ALA A 422 8.57 -21.85 0.88
N GLU A 423 8.54 -23.18 0.84
CA GLU A 423 8.79 -23.97 2.03
C GLU A 423 10.27 -23.97 2.40
N GLU A 424 11.15 -24.10 1.40
CA GLU A 424 12.58 -24.24 1.65
C GLU A 424 13.19 -23.02 2.34
N GLY A 425 12.49 -21.90 2.39
CA GLY A 425 12.97 -20.73 3.11
C GLY A 425 12.79 -20.87 4.61
#